data_6DNW
#
_entry.id   6DNW
#
_cell.length_a   48.291
_cell.length_b   57.112
_cell.length_c   167.883
_cell.angle_alpha   90.00
_cell.angle_beta   90.00
_cell.angle_gamma   90.00
#
_symmetry.space_group_name_H-M   'P 21 21 21'
#
loop_
_entity.id
_entity.type
_entity.pdbx_description
1 polymer 'Putative integrase [Bacteriophage A118]'
2 polymer 'DNA (26-MER)'
3 polymer 'DNA (26-MER)'
4 non-polymer 'ZINC ION'
5 water water
#
loop_
_entity_poly.entity_id
_entity_poly.type
_entity_poly.pdbx_seq_one_letter_code
_entity_poly.pdbx_strand_id
1 'polypeptide(L)'
;DRMVMGKIKRIEAGLPLTTAKGRTFGYDVIDTKLYINEEEAKQLRLIYDIFEEEQSITFLQKRLKKLGFKVRTYNRYNNW
LTNDLYCGYVSYKDKVHVKGIHEPIISEEQFYRVQEIFSRMGKNPNMNKESASLLNNLVVCSKCGLGFVHRRKDTVSRGK
KYHYRYYSCKTYKHTHELEKCGNKIWRADKLEELIIDRVNNYSFASRNIDKEDELDSLNEKLKIEHAKKKRLFDLYINGS
YEVSELDSMMNDIDAQINYYEAQIEANEELKKNKKIQENLADLATVDFNSLEFREKQLYLKSLINKIYIDGEQVTIEWL
;
A
2 'polydeoxyribonucleotide'
;(DG)(DT)(DT)(DT)(DA)(DG)(DT)(DT)(DC)(DC)(DT)(DC)(DG)(DT)(DT)(DT)(DT)(DC)(DT)(DC)
(DT)(DC)(DG)(DT)(DT)(DG)
;
B
3 'polydeoxyribonucleotide'
;(DC)(DC)(DA)(DA)(DC)(DG)(DA)(DG)(DA)(DG)(DA)(DA)(DA)(DA)(DC)(DG)(DA)(DG)(DG)(DA)
(DA)(DC)(DT)(DA)(DA)(DA)
;
C
#
loop_
_chem_comp.id
_chem_comp.type
_chem_comp.name
_chem_comp.formula
DA DNA linking 2'-DEOXYADENOSINE-5'-MONOPHOSPHATE 'C10 H14 N5 O6 P'
DC DNA linking 2'-DEOXYCYTIDINE-5'-MONOPHOSPHATE 'C9 H14 N3 O7 P'
DG DNA linking 2'-DEOXYGUANOSINE-5'-MONOPHOSPHATE 'C10 H14 N5 O7 P'
DT DNA linking THYMIDINE-5'-MONOPHOSPHATE 'C10 H15 N2 O8 P'
ZN non-polymer 'ZINC ION' 'Zn 2'
#
# COMPACT_ATOMS: atom_id res chain seq x y z
N ASP A 1 -4.07 -25.20 -24.22
CA ASP A 1 -3.91 -26.25 -25.23
C ASP A 1 -4.92 -27.37 -24.98
N ARG A 2 -4.43 -28.61 -24.87
CA ARG A 2 -5.31 -29.71 -24.50
C ARG A 2 -5.52 -29.78 -22.99
N MET A 3 -4.58 -29.25 -22.22
CA MET A 3 -4.66 -29.31 -20.76
C MET A 3 -5.31 -28.07 -20.14
N VAL A 4 -5.54 -27.02 -20.92
CA VAL A 4 -6.37 -25.93 -20.43
C VAL A 4 -7.82 -26.42 -20.27
N MET A 5 -8.21 -27.41 -21.07
CA MET A 5 -9.56 -27.96 -20.96
C MET A 5 -9.84 -28.43 -19.54
N GLY A 6 -8.84 -29.03 -18.89
CA GLY A 6 -9.05 -29.58 -17.55
C GLY A 6 -9.12 -28.53 -16.47
N LYS A 7 -8.39 -27.43 -16.63
CA LYS A 7 -8.39 -26.39 -15.60
C LYS A 7 -9.64 -25.52 -15.70
N ILE A 8 -10.10 -25.22 -16.92
CA ILE A 8 -11.37 -24.50 -17.06
C ILE A 8 -12.51 -25.33 -16.51
N LYS A 9 -12.41 -26.65 -16.57
CA LYS A 9 -13.51 -27.50 -16.14
C LYS A 9 -13.77 -27.36 -14.64
N ARG A 10 -12.72 -27.24 -13.84
CA ARG A 10 -12.90 -27.11 -12.40
C ARG A 10 -13.47 -25.74 -12.03
N ILE A 11 -13.15 -24.70 -12.79
CA ILE A 11 -13.67 -23.37 -12.50
C ILE A 11 -15.18 -23.33 -12.73
N GLU A 12 -15.64 -23.94 -13.82
CA GLU A 12 -17.08 -23.99 -14.07
C GLU A 12 -17.81 -24.75 -12.98
N ALA A 13 -17.12 -25.68 -12.31
CA ALA A 13 -17.69 -26.47 -11.23
C ALA A 13 -17.46 -25.84 -9.86
N GLY A 14 -16.92 -24.62 -9.81
CA GLY A 14 -16.69 -23.95 -8.54
C GLY A 14 -15.58 -24.55 -7.71
N LEU A 15 -14.63 -25.27 -8.34
CA LEU A 15 -13.55 -25.94 -7.63
C LEU A 15 -12.24 -25.17 -7.81
N PRO A 16 -11.31 -25.29 -6.86
CA PRO A 16 -10.06 -24.53 -6.95
C PRO A 16 -9.05 -25.18 -7.88
N LEU A 17 -8.18 -24.34 -8.44
CA LEU A 17 -7.05 -24.80 -9.25
C LEU A 17 -5.79 -24.99 -8.42
N THR A 18 -5.89 -24.92 -7.10
CA THR A 18 -4.75 -25.14 -6.20
C THR A 18 -5.22 -26.02 -5.06
N THR A 19 -4.68 -27.24 -5.00
CA THR A 19 -5.02 -28.18 -3.95
C THR A 19 -3.77 -28.71 -3.24
N ALA A 20 -2.61 -28.16 -3.54
CA ALA A 20 -1.37 -28.65 -2.96
C ALA A 20 -1.28 -28.29 -1.48
N LYS A 21 -0.75 -29.21 -0.69
CA LYS A 21 -0.54 -28.93 0.72
C LYS A 21 0.52 -27.85 0.90
N GLY A 22 0.23 -26.89 1.77
CA GLY A 22 1.08 -25.73 1.94
C GLY A 22 0.78 -24.59 1.00
N ARG A 23 -0.11 -24.79 0.02
CA ARG A 23 -0.49 -23.74 -0.93
C ARG A 23 -1.98 -23.41 -0.85
N THR A 24 -2.66 -23.85 0.20
CA THR A 24 -4.08 -23.60 0.39
C THR A 24 -4.34 -23.16 1.82
N PHE A 25 -3.47 -22.30 2.36
CA PHE A 25 -3.55 -21.91 3.76
C PHE A 25 -4.96 -21.47 4.12
N GLY A 26 -5.42 -21.91 5.30
CA GLY A 26 -6.76 -21.64 5.75
C GLY A 26 -7.78 -22.67 5.36
N TYR A 27 -7.42 -23.63 4.49
CA TYR A 27 -8.34 -24.63 4.01
C TYR A 27 -7.68 -26.00 4.01
N ASP A 28 -8.41 -27.00 4.49
CA ASP A 28 -8.04 -28.39 4.29
C ASP A 28 -8.64 -28.90 2.99
N VAL A 29 -7.93 -29.82 2.34
CA VAL A 29 -8.33 -30.36 1.04
C VAL A 29 -8.75 -31.80 1.24
N ILE A 30 -10.00 -32.10 0.92
CA ILE A 30 -10.56 -33.44 1.01
C ILE A 30 -11.21 -33.76 -0.33
N ASP A 31 -10.67 -34.75 -1.05
CA ASP A 31 -11.17 -35.12 -2.37
C ASP A 31 -11.15 -33.93 -3.32
N THR A 32 -10.07 -33.15 -3.27
CA THR A 32 -9.83 -32.01 -4.15
C THR A 32 -10.74 -30.82 -3.85
N LYS A 33 -11.50 -30.86 -2.77
CA LYS A 33 -12.41 -29.78 -2.42
C LYS A 33 -12.01 -29.19 -1.07
N LEU A 34 -12.23 -27.88 -0.92
CA LEU A 34 -11.74 -27.14 0.23
C LEU A 34 -12.74 -27.15 1.37
N TYR A 35 -12.21 -27.21 2.60
CA TYR A 35 -13.01 -27.10 3.81
C TYR A 35 -12.19 -26.35 4.85
N ILE A 36 -12.82 -25.39 5.54
CA ILE A 36 -12.09 -24.48 6.40
C ILE A 36 -11.29 -25.24 7.44
N ASN A 37 -10.11 -24.70 7.78
CA ASN A 37 -9.27 -25.19 8.86
C ASN A 37 -9.28 -24.14 9.96
N GLU A 38 -9.94 -24.45 11.08
CA GLU A 38 -10.19 -23.45 12.11
C GLU A 38 -8.89 -22.83 12.61
N GLU A 39 -7.84 -23.63 12.75
CA GLU A 39 -6.56 -23.10 13.22
C GLU A 39 -6.05 -22.01 12.27
N GLU A 40 -5.96 -22.33 10.98
CA GLU A 40 -5.39 -21.40 10.02
C GLU A 40 -6.37 -20.31 9.60
N ALA A 41 -7.67 -20.61 9.56
CA ALA A 41 -8.65 -19.60 9.22
C ALA A 41 -8.68 -18.49 10.26
N LYS A 42 -8.46 -18.82 11.53
CA LYS A 42 -8.46 -17.80 12.58
C LYS A 42 -7.30 -16.83 12.39
N GLN A 43 -6.17 -17.31 11.86
CA GLN A 43 -5.06 -16.40 11.58
C GLN A 43 -5.40 -15.45 10.42
N LEU A 44 -6.04 -15.97 9.38
CA LEU A 44 -6.38 -15.13 8.23
C LEU A 44 -7.27 -13.97 8.64
N ARG A 45 -8.36 -14.25 9.36
CA ARG A 45 -9.19 -13.18 9.88
C ARG A 45 -8.36 -12.22 10.73
N LEU A 46 -7.38 -12.75 11.46
CA LEU A 46 -6.49 -11.91 12.25
C LEU A 46 -5.50 -11.16 11.37
N ILE A 47 -5.08 -11.77 10.26
CA ILE A 47 -4.16 -11.11 9.35
C ILE A 47 -4.86 -9.98 8.60
N TYR A 48 -6.03 -10.27 8.03
CA TYR A 48 -6.78 -9.24 7.31
C TYR A 48 -7.09 -8.05 8.21
N ASP A 49 -7.48 -8.32 9.46
CA ASP A 49 -7.79 -7.22 10.38
C ASP A 49 -6.58 -6.33 10.60
N ILE A 50 -5.43 -6.93 10.91
CA ILE A 50 -4.25 -6.14 11.26
C ILE A 50 -3.75 -5.36 10.05
N PHE A 51 -3.83 -5.96 8.86
CA PHE A 51 -3.35 -5.26 7.67
C PHE A 51 -4.14 -4.00 7.41
N GLU A 52 -5.45 -3.99 7.73
CA GLU A 52 -6.23 -2.77 7.61
C GLU A 52 -5.70 -1.70 8.57
N GLU A 53 -5.37 -2.09 9.80
CA GLU A 53 -4.80 -1.16 10.75
C GLU A 53 -3.43 -0.65 10.28
N GLU A 54 -2.47 -1.56 10.15
CA GLU A 54 -1.11 -1.16 9.83
C GLU A 54 -0.98 -0.68 8.39
N GLN A 55 -1.80 -1.20 7.48
CA GLN A 55 -1.71 -0.84 6.07
C GLN A 55 -0.30 -1.07 5.52
N SER A 56 0.37 -2.09 6.06
CA SER A 56 1.71 -2.45 5.61
C SER A 56 1.97 -3.90 5.99
N ILE A 57 2.65 -4.62 5.09
CA ILE A 57 2.96 -6.03 5.34
C ILE A 57 4.05 -6.15 6.40
N THR A 58 5.11 -5.36 6.27
CA THR A 58 6.20 -5.43 7.25
C THR A 58 5.70 -5.10 8.65
N PHE A 59 4.90 -4.05 8.78
CA PHE A 59 4.30 -3.74 10.07
C PHE A 59 3.37 -4.86 10.52
N LEU A 60 2.76 -5.56 9.57
CA LEU A 60 1.93 -6.70 9.92
C LEU A 60 2.78 -7.86 10.43
N GLN A 61 3.94 -8.09 9.82
CA GLN A 61 4.84 -9.13 10.29
C GLN A 61 5.30 -8.85 11.72
N LYS A 62 5.68 -7.60 11.99
CA LYS A 62 6.23 -7.26 13.29
C LYS A 62 5.19 -7.40 14.40
N ARG A 63 3.93 -7.08 14.10
CA ARG A 63 2.89 -7.23 15.11
C ARG A 63 2.53 -8.71 15.32
N LEU A 64 2.52 -9.49 14.24
CA LEU A 64 2.25 -10.92 14.38
C LEU A 64 3.34 -11.62 15.18
N LYS A 65 4.60 -11.22 14.97
CA LYS A 65 5.68 -11.81 15.73
C LYS A 65 5.50 -11.58 17.23
N LYS A 66 4.90 -10.46 17.61
CA LYS A 66 4.60 -10.17 19.01
C LYS A 66 3.39 -10.95 19.52
N LEU A 67 2.74 -11.75 18.69
CA LEU A 67 1.62 -12.57 19.10
C LEU A 67 1.96 -14.06 19.12
N GLY A 68 3.23 -14.40 18.89
CA GLY A 68 3.66 -15.79 18.88
C GLY A 68 3.63 -16.46 17.52
N PHE A 69 3.07 -15.80 16.51
CA PHE A 69 3.02 -16.40 15.18
C PHE A 69 4.40 -16.44 14.55
N LYS A 70 4.65 -17.51 13.79
CA LYS A 70 5.86 -17.59 12.98
C LYS A 70 5.68 -16.72 11.75
N VAL A 71 6.63 -15.82 11.51
CA VAL A 71 6.53 -14.89 10.40
C VAL A 71 6.87 -15.63 9.11
N ARG A 72 5.91 -15.67 8.18
CA ARG A 72 6.15 -16.27 6.87
C ARG A 72 6.86 -15.26 5.98
N THR A 73 7.17 -15.69 4.75
CA THR A 73 7.83 -14.81 3.80
C THR A 73 6.90 -13.65 3.42
N TYR A 74 7.51 -12.58 2.90
CA TYR A 74 6.74 -11.39 2.55
C TYR A 74 5.67 -11.72 1.51
N ASN A 75 6.10 -12.18 0.33
CA ASN A 75 5.14 -12.47 -0.73
C ASN A 75 4.05 -13.44 -0.29
N ARG A 76 4.31 -14.22 0.76
CA ARG A 76 3.29 -15.11 1.29
C ARG A 76 2.07 -14.32 1.76
N TYR A 77 2.29 -13.27 2.55
CA TYR A 77 1.18 -12.49 3.08
C TYR A 77 0.46 -11.72 1.98
N ASN A 78 1.21 -11.19 1.01
CA ASN A 78 0.59 -10.41 -0.05
C ASN A 78 -0.38 -11.28 -0.86
N ASN A 79 0.06 -12.48 -1.24
CA ASN A 79 -0.82 -13.40 -1.94
C ASN A 79 -2.07 -13.70 -1.12
N TRP A 80 -1.89 -13.93 0.18
CA TRP A 80 -3.03 -14.21 1.04
C TRP A 80 -4.00 -13.04 1.08
N LEU A 81 -3.47 -11.81 1.14
CA LEU A 81 -4.30 -10.63 1.29
C LEU A 81 -4.96 -10.18 -0.01
N THR A 82 -4.55 -10.74 -1.16
CA THR A 82 -5.10 -10.35 -2.44
C THR A 82 -5.77 -11.50 -3.18
N ASN A 83 -5.84 -12.69 -2.59
CA ASN A 83 -6.42 -13.86 -3.25
C ASN A 83 -7.91 -13.92 -2.92
N ASP A 84 -8.75 -13.67 -3.93
CA ASP A 84 -10.20 -13.71 -3.73
C ASP A 84 -10.72 -15.12 -3.44
N LEU A 85 -9.85 -16.12 -3.35
CA LEU A 85 -10.28 -17.43 -2.91
C LEU A 85 -10.89 -17.37 -1.51
N TYR A 86 -10.43 -16.42 -0.69
CA TYR A 86 -10.85 -16.35 0.71
C TYR A 86 -12.18 -15.64 0.90
N CYS A 87 -12.69 -14.94 -0.11
CA CYS A 87 -14.06 -14.43 -0.08
C CYS A 87 -14.99 -15.22 -0.99
N GLY A 88 -14.54 -16.36 -1.50
CA GLY A 88 -15.43 -17.34 -2.09
C GLY A 88 -15.43 -17.43 -3.61
N TYR A 89 -14.29 -17.12 -4.25
CA TYR A 89 -14.20 -17.10 -5.70
C TYR A 89 -13.05 -17.98 -6.17
N VAL A 90 -13.25 -18.60 -7.33
CA VAL A 90 -12.22 -19.37 -8.01
C VAL A 90 -12.01 -18.75 -9.39
N SER A 91 -10.76 -18.69 -9.84
CA SER A 91 -10.41 -17.92 -11.02
C SER A 91 -9.37 -18.66 -11.85
N TYR A 92 -9.52 -18.57 -13.18
CA TYR A 92 -8.53 -19.07 -14.12
C TYR A 92 -7.74 -17.89 -14.67
N LYS A 93 -6.41 -17.96 -14.55
CA LYS A 93 -5.53 -16.89 -15.01
C LYS A 93 -5.88 -15.55 -14.36
N ASP A 94 -6.50 -15.61 -13.18
CA ASP A 94 -6.79 -14.41 -12.37
C ASP A 94 -7.57 -13.37 -13.17
N LYS A 95 -8.38 -13.82 -14.13
CA LYS A 95 -9.21 -12.89 -14.87
C LYS A 95 -10.53 -13.50 -15.35
N VAL A 96 -10.88 -14.72 -14.92
CA VAL A 96 -12.16 -15.34 -15.24
C VAL A 96 -12.72 -15.87 -13.92
N HIS A 97 -13.46 -15.03 -13.21
CA HIS A 97 -13.85 -15.31 -11.84
C HIS A 97 -15.25 -15.91 -11.77
N VAL A 98 -15.40 -16.92 -10.91
CA VAL A 98 -16.68 -17.57 -10.67
C VAL A 98 -16.75 -17.91 -9.19
N LYS A 99 -17.93 -17.78 -8.60
CA LYS A 99 -18.10 -18.10 -7.19
C LYS A 99 -17.90 -19.60 -6.98
N GLY A 100 -17.03 -19.94 -6.03
CA GLY A 100 -16.76 -21.33 -5.74
C GLY A 100 -17.80 -21.93 -4.81
N ILE A 101 -17.68 -23.24 -4.63
CA ILE A 101 -18.55 -23.95 -3.70
C ILE A 101 -18.01 -23.92 -2.27
N HIS A 102 -16.73 -23.61 -2.08
CA HIS A 102 -16.15 -23.63 -0.76
C HIS A 102 -16.66 -22.47 0.09
N GLU A 103 -16.63 -22.67 1.40
CA GLU A 103 -17.09 -21.65 2.34
C GLU A 103 -16.03 -20.55 2.44
N PRO A 104 -16.41 -19.28 2.33
CA PRO A 104 -15.43 -18.20 2.44
C PRO A 104 -15.04 -17.92 3.89
N ILE A 105 -13.90 -17.25 4.03
CA ILE A 105 -13.34 -16.92 5.33
C ILE A 105 -13.37 -15.42 5.60
N ILE A 106 -13.15 -14.61 4.56
CA ILE A 106 -13.12 -13.16 4.68
C ILE A 106 -14.38 -12.59 4.02
N SER A 107 -15.00 -11.62 4.69
CA SER A 107 -16.17 -10.97 4.13
C SER A 107 -15.83 -10.30 2.81
N GLU A 108 -16.76 -10.33 1.87
CA GLU A 108 -16.53 -9.70 0.57
C GLU A 108 -16.37 -8.19 0.72
N GLU A 109 -16.97 -7.60 1.75
CA GLU A 109 -16.80 -6.17 1.99
C GLU A 109 -15.38 -5.86 2.45
N GLN A 110 -14.87 -6.66 3.40
CA GLN A 110 -13.52 -6.42 3.92
C GLN A 110 -12.46 -6.66 2.85
N PHE A 111 -12.64 -7.69 2.03
CA PHE A 111 -11.63 -8.04 1.04
C PHE A 111 -11.30 -6.84 0.15
N TYR A 112 -12.32 -6.18 -0.40
CA TYR A 112 -12.09 -5.09 -1.33
C TYR A 112 -11.56 -3.85 -0.62
N ARG A 113 -11.92 -3.64 0.64
CA ARG A 113 -11.28 -2.58 1.42
C ARG A 113 -9.77 -2.78 1.46
N VAL A 114 -9.33 -4.01 1.70
CA VAL A 114 -7.91 -4.33 1.67
C VAL A 114 -7.33 -4.01 0.31
N GLN A 115 -8.01 -4.43 -0.76
CA GLN A 115 -7.50 -4.23 -2.11
C GLN A 115 -7.28 -2.76 -2.41
N GLU A 116 -8.11 -1.88 -1.84
CA GLU A 116 -7.91 -0.45 -2.01
C GLU A 116 -6.71 0.06 -1.23
N ILE A 117 -6.33 -0.63 -0.15
CA ILE A 117 -5.12 -0.28 0.58
C ILE A 117 -3.89 -0.57 -0.28
N PHE A 118 -3.89 -1.71 -0.98
CA PHE A 118 -2.80 -2.00 -1.91
C PHE A 118 -2.80 -1.05 -3.09
N SER A 119 -3.99 -0.73 -3.61
CA SER A 119 -4.08 0.21 -4.72
C SER A 119 -3.49 1.57 -4.33
N ARG A 120 -3.90 2.10 -3.18
CA ARG A 120 -3.33 3.36 -2.71
C ARG A 120 -1.83 3.23 -2.46
N MET A 121 -1.38 2.06 -2.02
CA MET A 121 0.05 1.86 -1.78
C MET A 121 0.85 1.97 -3.08
N GLY A 122 0.34 1.37 -4.16
CA GLY A 122 1.07 1.37 -5.42
C GLY A 122 1.26 2.76 -6.00
N LYS A 123 0.28 3.65 -5.78
CA LYS A 123 0.39 5.02 -6.27
C LYS A 123 1.32 5.88 -5.42
N ASN A 124 1.86 5.34 -4.34
CA ASN A 124 2.70 6.10 -3.41
C ASN A 124 3.96 5.28 -3.11
N PRO A 125 4.98 5.37 -3.96
CA PRO A 125 6.21 4.64 -3.70
C PRO A 125 6.84 5.06 -2.37
N ASN A 126 7.34 4.06 -1.64
CA ASN A 126 8.08 4.27 -0.40
C ASN A 126 7.26 4.91 0.70
N MET A 127 5.93 4.95 0.57
CA MET A 127 5.11 5.60 1.59
C MET A 127 5.24 4.92 2.95
N ASN A 128 5.61 3.64 2.98
CA ASN A 128 5.72 2.90 4.23
C ASN A 128 7.16 2.79 4.72
N LYS A 129 8.07 3.59 4.18
CA LYS A 129 9.44 3.62 4.67
C LYS A 129 9.54 4.53 5.89
N GLU A 130 10.47 4.18 6.79
CA GLU A 130 10.68 4.98 8.00
C GLU A 130 10.93 6.44 7.68
N SER A 131 11.49 6.73 6.51
CA SER A 131 11.90 8.09 6.14
C SER A 131 10.87 8.83 5.31
N ALA A 132 9.72 8.21 5.02
CA ALA A 132 8.72 8.87 4.20
C ALA A 132 8.31 10.21 4.79
N SER A 133 8.42 11.26 3.99
CA SER A 133 8.07 12.59 4.46
C SER A 133 6.56 12.67 4.72
N LEU A 134 6.15 13.78 5.34
CA LEU A 134 4.73 13.97 5.64
C LEU A 134 3.90 14.03 4.36
N LEU A 135 4.47 14.61 3.30
CA LEU A 135 3.77 14.77 2.03
C LEU A 135 4.48 13.98 0.93
N ASN A 136 4.67 12.68 1.17
CA ASN A 136 5.62 11.90 0.36
C ASN A 136 5.31 11.99 -1.12
N ASN A 137 4.06 11.74 -1.51
CA ASN A 137 3.66 11.70 -2.92
C ASN A 137 2.46 12.60 -3.16
N LEU A 138 2.43 13.76 -2.50
CA LEU A 138 1.30 14.68 -2.59
C LEU A 138 1.62 15.96 -3.33
N VAL A 139 2.89 16.30 -3.52
CA VAL A 139 3.29 17.58 -4.08
C VAL A 139 3.71 17.38 -5.53
N VAL A 140 3.13 18.18 -6.42
CA VAL A 140 3.38 18.09 -7.86
C VAL A 140 3.89 19.44 -8.35
N CYS A 141 4.84 19.39 -9.28
CA CYS A 141 5.43 20.59 -9.84
C CYS A 141 4.53 21.17 -10.92
N SER A 142 4.03 22.39 -10.69
CA SER A 142 3.15 23.02 -11.66
C SER A 142 3.88 23.30 -12.97
N LYS A 143 5.01 24.03 -12.89
CA LYS A 143 5.76 24.37 -14.10
C LYS A 143 6.31 23.14 -14.79
N CYS A 144 6.41 22.01 -14.10
CA CYS A 144 7.24 20.91 -14.55
C CYS A 144 6.48 19.62 -14.84
N GLY A 145 5.36 19.38 -14.17
CA GLY A 145 4.64 18.14 -14.32
C GLY A 145 5.17 16.98 -13.50
N LEU A 146 6.29 17.17 -12.81
CA LEU A 146 6.91 16.13 -12.01
C LEU A 146 6.64 16.36 -10.53
N GLY A 147 6.86 15.31 -9.74
CA GLY A 147 6.56 15.35 -8.32
C GLY A 147 7.73 15.88 -7.50
N PHE A 148 7.41 16.73 -6.54
CA PHE A 148 8.41 17.19 -5.59
C PHE A 148 8.85 16.04 -4.69
N VAL A 149 10.05 16.17 -4.15
CA VAL A 149 10.67 15.13 -3.34
C VAL A 149 11.27 15.78 -2.10
N HIS A 150 11.06 15.14 -0.95
CA HIS A 150 11.64 15.64 0.29
C HIS A 150 13.16 15.49 0.27
N ARG A 151 13.84 16.49 0.82
CA ARG A 151 15.30 16.51 0.85
C ARG A 151 15.77 17.00 2.20
N ARG A 152 16.75 16.31 2.78
CA ARG A 152 17.30 16.64 4.09
C ARG A 152 18.78 17.01 3.93
N LYS A 153 19.07 18.29 4.08
CA LYS A 153 20.43 18.81 3.91
C LYS A 153 20.96 19.29 5.25
N ASP A 154 22.06 18.69 5.69
CA ASP A 154 22.75 19.10 6.92
C ASP A 154 24.21 19.41 6.58
N THR A 155 24.75 20.45 7.21
CA THR A 155 26.06 20.96 6.86
C THR A 155 26.82 21.35 8.11
N VAL A 156 28.15 21.40 7.98
CA VAL A 156 29.04 21.86 9.02
C VAL A 156 29.77 23.09 8.48
N SER A 157 29.50 24.25 9.08
CA SER A 157 30.08 25.51 8.62
C SER A 157 30.78 26.18 9.79
N ARG A 158 32.12 26.21 9.73
CA ARG A 158 32.93 26.86 10.75
C ARG A 158 32.86 26.14 12.09
N GLY A 159 32.64 24.82 12.05
CA GLY A 159 32.60 24.02 13.26
C GLY A 159 31.18 23.68 13.69
N LYS A 160 30.27 24.64 13.58
CA LYS A 160 28.89 24.42 13.99
C LYS A 160 28.15 23.58 12.97
N LYS A 161 27.25 22.74 13.47
CA LYS A 161 26.49 21.81 12.64
C LYS A 161 25.06 22.33 12.49
N TYR A 162 24.58 22.38 11.25
CA TYR A 162 23.24 22.84 10.93
C TYR A 162 22.45 21.72 10.27
N HIS A 163 21.12 21.84 10.33
CA HIS A 163 20.22 20.86 9.73
C HIS A 163 19.05 21.59 9.09
N TYR A 164 18.77 21.25 7.83
CA TYR A 164 17.68 21.88 7.09
C TYR A 164 16.96 20.83 6.25
N ARG A 165 15.66 21.03 6.08
CA ARG A 165 14.85 20.17 5.22
C ARG A 165 14.19 21.01 4.14
N TYR A 166 13.97 20.39 2.98
CA TYR A 166 13.37 21.07 1.85
C TYR A 166 12.45 20.12 1.09
N TYR A 167 11.55 20.72 0.31
CA TYR A 167 10.79 20.01 -0.73
C TYR A 167 11.15 20.67 -2.05
N SER A 168 11.82 19.93 -2.93
CA SER A 168 12.21 20.45 -4.23
C SER A 168 11.67 19.55 -5.33
N CYS A 169 11.36 20.16 -6.47
CA CYS A 169 11.00 19.38 -7.64
C CYS A 169 12.08 18.37 -7.95
N LYS A 170 11.68 17.22 -8.49
CA LYS A 170 12.63 16.15 -8.78
C LYS A 170 13.68 16.57 -9.79
N THR A 171 13.44 17.61 -10.57
CA THR A 171 14.43 18.06 -11.55
C THR A 171 15.69 18.59 -10.86
N TYR A 172 15.55 19.13 -9.66
CA TYR A 172 16.74 19.60 -8.94
C TYR A 172 17.54 18.45 -8.37
N LYS A 173 16.89 17.30 -8.14
CA LYS A 173 17.57 16.15 -7.55
C LYS A 173 18.32 15.35 -8.61
N HIS A 174 17.60 14.78 -9.57
CA HIS A 174 18.20 13.93 -10.61
C HIS A 174 18.78 14.84 -11.69
N THR A 175 20.01 15.29 -11.47
CA THR A 175 20.67 16.21 -12.40
C THR A 175 21.23 15.51 -13.62
N HIS A 176 21.36 14.18 -13.60
CA HIS A 176 21.82 13.45 -14.77
C HIS A 176 20.70 13.18 -15.77
N GLU A 177 19.45 13.25 -15.34
CA GLU A 177 18.31 12.92 -16.19
C GLU A 177 17.41 14.10 -16.52
N LEU A 178 17.35 15.11 -15.65
CA LEU A 178 16.35 16.17 -15.76
C LEU A 178 17.00 17.54 -15.65
N GLU A 179 16.51 18.48 -16.45
CA GLU A 179 16.94 19.86 -16.39
C GLU A 179 16.05 20.64 -15.43
N LYS A 180 16.69 21.48 -14.60
CA LYS A 180 15.93 22.30 -13.66
C LYS A 180 14.85 23.08 -14.39
N CYS A 181 13.72 23.26 -13.71
CA CYS A 181 12.58 23.98 -14.26
C CYS A 181 12.37 25.34 -13.61
N GLY A 182 13.26 25.77 -12.72
CA GLY A 182 13.11 27.06 -12.09
C GLY A 182 11.97 27.18 -11.12
N ASN A 183 11.45 26.07 -10.63
CA ASN A 183 10.38 26.10 -9.64
C ASN A 183 10.97 26.21 -8.24
N LYS A 184 10.24 26.88 -7.36
CA LYS A 184 10.75 27.18 -6.03
C LYS A 184 11.06 25.90 -5.25
N ILE A 185 12.11 25.96 -4.44
CA ILE A 185 12.42 24.92 -3.47
C ILE A 185 11.96 25.45 -2.12
N TRP A 186 10.96 24.82 -1.54
CA TRP A 186 10.33 25.31 -0.31
C TRP A 186 10.98 24.69 0.91
N ARG A 187 11.12 25.49 1.96
CA ARG A 187 11.46 24.96 3.27
C ARG A 187 10.42 23.94 3.69
N ALA A 188 10.88 22.77 4.14
CA ALA A 188 9.95 21.72 4.52
C ALA A 188 9.07 22.16 5.68
N ASP A 189 9.68 22.71 6.73
CA ASP A 189 8.90 23.13 7.89
C ASP A 189 7.91 24.23 7.55
N LYS A 190 8.23 25.06 6.56
CA LYS A 190 7.34 26.16 6.20
C LYS A 190 6.16 25.67 5.35
N LEU A 191 6.40 24.73 4.44
CA LEU A 191 5.32 24.24 3.60
C LEU A 191 4.40 23.30 4.39
N GLU A 192 4.97 22.43 5.20
CA GLU A 192 4.15 21.53 6.03
C GLU A 192 3.21 22.33 6.92
N GLU A 193 3.74 23.35 7.59
CA GLU A 193 2.88 24.22 8.40
C GLU A 193 1.78 24.84 7.57
N LEU A 194 2.09 25.22 6.32
CA LEU A 194 1.09 25.83 5.45
C LEU A 194 -0.02 24.83 5.12
N ILE A 195 0.35 23.58 4.82
CA ILE A 195 -0.65 22.57 4.49
C ILE A 195 -1.51 22.26 5.71
N ILE A 196 -0.90 22.21 6.90
CA ILE A 196 -1.66 21.90 8.11
C ILE A 196 -2.79 22.91 8.29
N ASP A 197 -2.45 24.20 8.33
CA ASP A 197 -3.46 25.23 8.52
C ASP A 197 -4.62 25.07 7.57
N ARG A 198 -4.33 24.79 6.30
CA ARG A 198 -5.39 24.69 5.31
C ARG A 198 -6.22 23.42 5.50
N VAL A 199 -5.58 22.32 5.91
CA VAL A 199 -6.31 21.09 6.18
C VAL A 199 -7.18 21.25 7.42
N ASN A 200 -6.70 22.00 8.42
CA ASN A 200 -7.53 22.27 9.60
C ASN A 200 -8.88 22.82 9.20
N ASN A 201 -8.93 23.68 8.19
CA ASN A 201 -10.17 24.29 7.72
C ASN A 201 -10.72 23.47 6.55
N TYR A 202 -11.14 22.25 6.87
CA TYR A 202 -11.75 21.37 5.87
C TYR A 202 -12.33 20.14 6.56
N LEU A 291 -2.79 13.15 17.07
CA LEU A 291 -2.50 12.01 16.21
C LEU A 291 -1.00 11.89 15.98
N GLU A 292 -0.49 10.66 16.01
CA GLU A 292 0.94 10.42 15.82
C GLU A 292 1.33 10.72 14.38
N PHE A 293 2.63 10.56 14.09
CA PHE A 293 3.15 10.97 12.80
C PHE A 293 2.52 10.17 11.66
N ARG A 294 2.77 8.86 11.63
CA ARG A 294 2.22 8.04 10.54
C ARG A 294 0.72 8.15 10.48
N GLU A 295 0.06 8.45 11.61
CA GLU A 295 -1.37 8.73 11.57
C GLU A 295 -1.66 9.99 10.76
N LYS A 296 -0.80 11.01 10.90
CA LYS A 296 -0.92 12.20 10.06
C LYS A 296 -0.67 11.84 8.60
N GLN A 297 0.49 11.26 8.32
CA GLN A 297 0.85 10.83 6.97
C GLN A 297 -0.35 10.26 6.21
N LEU A 298 -0.94 9.19 6.76
CA LEU A 298 -2.03 8.52 6.06
C LEU A 298 -3.29 9.36 6.04
N TYR A 299 -3.55 10.12 7.11
CA TYR A 299 -4.75 10.95 7.15
C TYR A 299 -4.76 11.97 6.02
N LEU A 300 -3.58 12.44 5.61
CA LEU A 300 -3.50 13.38 4.49
C LEU A 300 -3.77 12.68 3.17
N LYS A 301 -3.23 11.48 2.97
CA LYS A 301 -3.45 10.75 1.72
C LYS A 301 -4.92 10.43 1.50
N SER A 302 -5.75 10.50 2.55
CA SER A 302 -7.16 10.18 2.42
C SER A 302 -8.01 11.39 2.02
N LEU A 303 -7.59 12.61 2.37
CA LEU A 303 -8.37 13.80 2.09
C LEU A 303 -7.61 14.81 1.23
N ILE A 304 -6.56 14.38 0.55
CA ILE A 304 -5.90 15.21 -0.45
C ILE A 304 -5.52 14.32 -1.62
N ASN A 305 -5.80 14.78 -2.84
CA ASN A 305 -5.39 14.06 -4.03
C ASN A 305 -3.95 14.42 -4.40
N LYS A 306 -3.71 15.69 -4.73
CA LYS A 306 -2.38 16.17 -5.04
C LYS A 306 -2.29 17.65 -4.70
N ILE A 307 -1.07 18.09 -4.37
CA ILE A 307 -0.79 19.48 -4.01
C ILE A 307 0.03 20.07 -5.15
N TYR A 308 -0.41 21.19 -5.69
CA TYR A 308 0.28 21.86 -6.77
C TYR A 308 1.04 23.07 -6.25
N ILE A 309 2.23 23.27 -6.80
CA ILE A 309 3.11 24.37 -6.41
C ILE A 309 3.52 25.12 -7.66
N ASP A 310 3.21 26.42 -7.71
CA ASP A 310 3.57 27.28 -8.83
C ASP A 310 4.31 28.48 -8.24
N GLY A 311 5.62 28.33 -8.04
CA GLY A 311 6.43 29.39 -7.48
C GLY A 311 6.17 29.62 -6.01
N GLU A 312 5.31 30.58 -5.69
CA GLU A 312 4.90 30.85 -4.32
C GLU A 312 3.47 30.42 -4.04
N GLN A 313 2.77 29.88 -5.03
CA GLN A 313 1.36 29.53 -4.90
C GLN A 313 1.22 28.06 -4.54
N VAL A 314 0.42 27.79 -3.50
CA VAL A 314 0.11 26.43 -3.08
C VAL A 314 -1.39 26.24 -3.25
N THR A 315 -1.78 25.37 -4.18
CA THR A 315 -3.18 25.06 -4.43
C THR A 315 -3.41 23.59 -4.11
N ILE A 316 -4.18 23.32 -3.06
CA ILE A 316 -4.48 21.96 -2.64
C ILE A 316 -5.70 21.46 -3.40
N GLU A 317 -5.57 20.31 -4.04
CA GLU A 317 -6.66 19.66 -4.74
C GLU A 317 -7.28 18.64 -3.79
N TRP A 318 -8.39 19.02 -3.16
CA TRP A 318 -9.04 18.14 -2.20
C TRP A 318 -9.66 16.94 -2.90
N LEU A 319 -9.78 15.84 -2.16
CA LEU A 319 -10.24 14.58 -2.71
C LEU A 319 -11.68 14.29 -2.29
ZN ZN D . 9.65 20.75 -12.03
#